data_7LEL
#
_entry.id   7LEL
#
_cell.length_a   45.990
_cell.length_b   58.460
_cell.length_c   60.770
_cell.angle_alpha   72.580
_cell.angle_beta   71.280
_cell.angle_gamma   70.620
#
_symmetry.space_group_name_H-M   'P 1'
#
loop_
_entity.id
_entity.type
_entity.pdbx_description
1 polymer 'Bromodomain testis-specific protein'
2 non-polymer Bromosporine
3 water water
#
_entity_poly.entity_id   1
_entity_poly.type   'polypeptide(L)'
_entity_poly.pdbx_seq_one_letter_code
;GAASTVKVTEQLRHCSEILKEMLAKKHFSYAWPFYNPVDVNALGLHNYYDVVKNPMDLGTIKEKMDNQEYKDAYKFAADV
RLMFMNCYKYNPPDHEVVTMARMLQDVFETHFSKIPI
;
_entity_poly.pdbx_strand_id   A,B,C,D
#
loop_
_chem_comp.id
_chem_comp.type
_chem_comp.name
_chem_comp.formula
BMF non-polymer Bromosporine 'C17 H20 N6 O4 S'
#
# COMPACT_ATOMS: atom_id res chain seq x y z
N SER A 4 -43.13 0.34 8.42
CA SER A 4 -44.55 0.02 8.47
C SER A 4 -44.77 -1.51 8.46
N THR A 5 -44.05 -2.25 7.63
CA THR A 5 -44.05 -3.68 7.76
C THR A 5 -43.45 -4.09 9.10
N VAL A 6 -43.89 -5.26 9.60
CA VAL A 6 -43.30 -5.75 10.85
C VAL A 6 -41.83 -6.10 10.66
N LYS A 7 -41.49 -6.71 9.52
CA LYS A 7 -40.08 -6.98 9.23
C LYS A 7 -39.23 -5.71 9.38
N VAL A 8 -39.71 -4.59 8.83
CA VAL A 8 -38.95 -3.35 8.91
C VAL A 8 -39.02 -2.77 10.31
N THR A 9 -40.23 -2.75 10.89
CA THR A 9 -40.37 -2.31 12.27
C THR A 9 -39.38 -3.03 13.19
N GLU A 10 -39.24 -4.35 13.03
CA GLU A 10 -38.28 -5.08 13.84
C GLU A 10 -36.83 -4.74 13.47
N GLN A 11 -36.53 -4.57 12.18
CA GLN A 11 -35.17 -4.17 11.80
C GLN A 11 -34.74 -2.89 12.53
N LEU A 12 -35.64 -1.90 12.56
CA LEU A 12 -35.36 -0.60 13.15
C LEU A 12 -35.26 -0.67 14.67
N ARG A 13 -36.04 -1.54 15.31
CA ARG A 13 -35.87 -1.72 16.76
C ARG A 13 -34.49 -2.25 17.06
N HIS A 14 -34.04 -3.27 16.31
CA HIS A 14 -32.67 -3.75 16.49
C HIS A 14 -31.67 -2.61 16.28
N CYS A 15 -31.89 -1.76 15.26
CA CYS A 15 -30.98 -0.65 15.00
C CYS A 15 -30.98 0.35 16.14
N SER A 16 -32.17 0.65 16.67
CA SER A 16 -32.26 1.53 17.82
C SER A 16 -31.46 0.96 18.99
N GLU A 17 -31.58 -0.36 19.22
CA GLU A 17 -30.78 -1.03 20.24
C GLU A 17 -29.28 -0.95 19.93
N ILE A 18 -28.90 -1.07 18.65
CA ILE A 18 -27.47 -0.95 18.34
C ILE A 18 -26.99 0.46 18.61
N LEU A 19 -27.80 1.46 18.23
CA LEU A 19 -27.45 2.85 18.50
C LEU A 19 -27.27 3.11 19.99
N LYS A 20 -28.20 2.59 20.80
CA LYS A 20 -28.08 2.70 22.25
C LYS A 20 -26.78 2.07 22.74
N GLU A 21 -26.43 0.91 22.21
CA GLU A 21 -25.18 0.26 22.60
C GLU A 21 -23.98 1.18 22.35
N MET A 22 -23.86 1.73 21.14
CA MET A 22 -22.64 2.50 20.95
C MET A 22 -22.68 3.84 21.67
N LEU A 23 -23.83 4.28 22.17
CA LEU A 23 -23.89 5.48 22.98
C LEU A 23 -23.67 5.19 24.45
N ALA A 24 -23.47 3.91 24.81
CA ALA A 24 -23.38 3.53 26.22
C ALA A 24 -22.05 3.93 26.82
N LYS A 25 -22.10 4.25 28.12
CA LYS A 25 -20.92 4.74 28.84
C LYS A 25 -19.73 3.80 28.70
N LYS A 26 -20.00 2.50 28.57
CA LYS A 26 -19.05 1.44 28.23
C LYS A 26 -18.07 1.86 27.14
N HIS A 27 -18.56 2.53 26.10
CA HIS A 27 -17.75 2.83 24.93
C HIS A 27 -17.33 4.30 24.87
N PHE A 28 -17.57 5.07 25.93
CA PHE A 28 -17.38 6.52 25.86
C PHE A 28 -15.98 6.88 25.42
N SER A 29 -14.96 6.19 25.97
CA SER A 29 -13.58 6.63 25.77
C SER A 29 -13.16 6.58 24.31
N TYR A 30 -13.84 5.80 23.47
CA TYR A 30 -13.56 5.86 22.04
C TYR A 30 -14.76 6.29 21.20
N ALA A 31 -15.94 6.45 21.80
CA ALA A 31 -17.12 6.88 21.04
C ALA A 31 -17.32 8.38 21.06
N TRP A 32 -16.74 9.10 22.04
CA TRP A 32 -17.17 10.48 22.28
C TRP A 32 -16.97 11.41 21.09
N PRO A 33 -15.90 11.34 20.28
CA PRO A 33 -15.84 12.26 19.13
C PRO A 33 -16.92 12.05 18.10
N PHE A 34 -17.68 10.95 18.17
CA PHE A 34 -18.75 10.71 17.21
C PHE A 34 -20.13 11.07 17.76
N TYR A 35 -20.21 11.58 18.99
CA TYR A 35 -21.50 11.98 19.55
C TYR A 35 -22.10 13.19 18.83
N ASN A 36 -21.26 14.06 18.29
CA ASN A 36 -21.68 15.32 17.70
C ASN A 36 -21.02 15.48 16.34
N PRO A 37 -21.56 16.34 15.47
CA PRO A 37 -20.86 16.67 14.23
C PRO A 37 -19.46 17.21 14.54
N VAL A 38 -18.53 16.86 13.66
CA VAL A 38 -17.18 17.42 13.69
C VAL A 38 -17.30 18.94 13.65
N ASP A 39 -16.76 19.60 14.67
CA ASP A 39 -16.85 21.06 14.77
C ASP A 39 -15.68 21.64 14.00
N VAL A 40 -15.89 21.82 12.69
CA VAL A 40 -14.81 22.24 11.79
C VAL A 40 -14.21 23.56 12.24
N ASN A 41 -15.07 24.54 12.56
CA ASN A 41 -14.61 25.88 12.93
C ASN A 41 -13.84 25.86 14.24
N ALA A 42 -14.46 25.31 15.28
CA ALA A 42 -13.80 25.27 16.60
C ALA A 42 -12.48 24.51 16.54
N LEU A 43 -12.32 23.57 15.62
CA LEU A 43 -11.15 22.71 15.57
C LEU A 43 -10.05 23.18 14.61
N GLY A 44 -10.38 23.98 13.60
CA GLY A 44 -9.38 24.42 12.65
C GLY A 44 -9.15 23.48 11.48
N LEU A 45 -10.17 22.76 11.04
CA LEU A 45 -10.04 21.77 9.97
C LEU A 45 -10.51 22.40 8.66
N HIS A 46 -9.64 23.24 8.09
CA HIS A 46 -10.03 24.11 6.98
C HIS A 46 -10.42 23.31 5.74
N ASN A 47 -9.90 22.10 5.60
CA ASN A 47 -10.15 21.29 4.41
C ASN A 47 -11.21 20.20 4.64
N TYR A 48 -11.86 20.21 5.81
CA TYR A 48 -12.71 19.07 6.17
C TYR A 48 -13.83 18.87 5.14
N TYR A 49 -14.59 19.93 4.86
CA TYR A 49 -15.74 19.78 3.96
C TYR A 49 -15.33 19.53 2.52
N ASP A 50 -14.09 19.89 2.15
CA ASP A 50 -13.59 19.47 0.85
C ASP A 50 -13.37 17.96 0.80
N VAL A 51 -12.84 17.39 1.87
CA VAL A 51 -12.57 15.95 1.88
C VAL A 51 -13.85 15.17 2.19
N VAL A 52 -14.66 15.65 3.14
CA VAL A 52 -15.85 14.94 3.61
C VAL A 52 -17.07 15.66 3.01
N LYS A 53 -17.64 15.08 1.95
CA LYS A 53 -18.74 15.75 1.28
C LYS A 53 -20.06 15.58 2.06
N ASN A 54 -20.18 14.54 2.88
CA ASN A 54 -21.43 14.26 3.61
C ASN A 54 -21.10 13.88 5.05
N PRO A 55 -21.00 14.87 5.93
CA PRO A 55 -20.64 14.56 7.32
C PRO A 55 -21.73 13.74 7.98
N MET A 56 -21.31 12.89 8.92
CA MET A 56 -22.28 12.15 9.70
C MET A 56 -21.72 11.94 11.10
N ASP A 57 -22.63 11.74 12.06
CA ASP A 57 -22.28 11.61 13.47
C ASP A 57 -23.40 10.88 14.19
N LEU A 58 -23.08 10.31 15.36
CA LEU A 58 -24.07 9.51 16.10
C LEU A 58 -25.28 10.34 16.56
N GLY A 59 -25.07 11.61 16.90
CA GLY A 59 -26.21 12.40 17.35
C GLY A 59 -27.17 12.67 16.22
N THR A 60 -26.65 12.87 15.01
CA THR A 60 -27.54 13.02 13.87
C THR A 60 -28.27 11.73 13.58
N ILE A 61 -27.58 10.60 13.70
CA ILE A 61 -28.21 9.30 13.46
C ILE A 61 -29.32 9.07 14.48
N LYS A 62 -29.08 9.42 15.74
CA LYS A 62 -30.15 9.29 16.74
C LYS A 62 -31.35 10.14 16.36
N GLU A 63 -31.12 11.38 15.90
CA GLU A 63 -32.24 12.23 15.54
C GLU A 63 -32.96 11.72 14.28
N LYS A 64 -32.20 11.27 13.27
CA LYS A 64 -32.80 10.71 12.06
C LYS A 64 -33.65 9.49 12.39
N MET A 65 -33.12 8.58 13.22
CA MET A 65 -33.93 7.48 13.70
C MET A 65 -35.19 7.99 14.40
N ASP A 66 -35.01 8.94 15.33
CA ASP A 66 -36.16 9.50 16.03
C ASP A 66 -37.17 10.10 15.05
N ASN A 67 -36.70 10.71 13.96
CA ASN A 67 -37.63 11.23 12.97
C ASN A 67 -38.14 10.15 12.01
N GLN A 68 -37.69 8.90 12.18
CA GLN A 68 -38.13 7.78 11.35
C GLN A 68 -37.67 7.93 9.91
N GLU A 69 -36.46 8.47 9.72
CA GLU A 69 -35.94 8.73 8.39
C GLU A 69 -35.26 7.53 7.76
N TYR A 70 -35.05 6.44 8.51
CA TYR A 70 -34.42 5.23 7.98
C TYR A 70 -35.50 4.25 7.53
N LYS A 71 -35.51 3.95 6.24
CA LYS A 71 -36.54 3.08 5.70
C LYS A 71 -36.34 1.63 6.14
N ASP A 72 -35.11 1.23 6.44
CA ASP A 72 -34.82 -0.15 6.89
C ASP A 72 -33.46 -0.16 7.57
N ALA A 73 -32.95 -1.36 7.87
CA ALA A 73 -31.72 -1.45 8.65
C ALA A 73 -30.51 -1.01 7.83
N TYR A 74 -30.55 -1.24 6.52
CA TYR A 74 -29.37 -0.96 5.70
C TYR A 74 -29.21 0.53 5.44
N LYS A 75 -30.33 1.27 5.36
CA LYS A 75 -30.23 2.73 5.32
C LYS A 75 -29.56 3.26 6.57
N PHE A 76 -29.90 2.67 7.73
CA PHE A 76 -29.27 3.03 8.99
C PHE A 76 -27.79 2.68 9.00
N ALA A 77 -27.46 1.43 8.64
CA ALA A 77 -26.05 1.02 8.58
C ALA A 77 -25.24 1.91 7.65
N ALA A 78 -25.84 2.40 6.56
CA ALA A 78 -25.11 3.25 5.64
C ALA A 78 -24.68 4.55 6.32
N ASP A 79 -25.55 5.12 7.17
CA ASP A 79 -25.17 6.36 7.85
C ASP A 79 -24.07 6.10 8.87
N VAL A 80 -24.22 5.03 9.66
CA VAL A 80 -23.15 4.61 10.57
C VAL A 80 -21.84 4.43 9.81
N ARG A 81 -21.89 3.70 8.70
CA ARG A 81 -20.65 3.39 7.98
C ARG A 81 -20.10 4.63 7.29
N LEU A 82 -20.98 5.54 6.85
CA LEU A 82 -20.52 6.82 6.32
C LEU A 82 -19.71 7.58 7.37
N MET A 83 -20.19 7.58 8.61
CA MET A 83 -19.50 8.26 9.69
C MET A 83 -18.09 7.72 9.88
N PHE A 84 -17.95 6.39 9.89
CA PHE A 84 -16.60 5.85 10.02
C PHE A 84 -15.75 6.17 8.79
N MET A 85 -16.33 6.05 7.59
CA MET A 85 -15.58 6.31 6.37
C MET A 85 -15.08 7.76 6.34
N ASN A 86 -15.89 8.70 6.83
CA ASN A 86 -15.49 10.11 6.87
C ASN A 86 -14.24 10.27 7.74
N CYS A 87 -14.24 9.64 8.91
CA CYS A 87 -13.08 9.66 9.77
C CYS A 87 -11.85 9.06 9.08
N TYR A 88 -12.02 7.86 8.51
CA TYR A 88 -10.92 7.20 7.81
C TYR A 88 -10.37 8.06 6.68
N LYS A 89 -11.26 8.70 5.90
CA LYS A 89 -10.78 9.42 4.74
C LYS A 89 -10.08 10.72 5.12
N TYR A 90 -10.52 11.38 6.19
CA TYR A 90 -9.96 12.70 6.47
C TYR A 90 -8.66 12.63 7.24
N ASN A 91 -8.51 11.64 8.16
CA ASN A 91 -7.42 11.63 9.12
C ASN A 91 -6.29 10.70 8.70
N PRO A 92 -5.05 10.97 9.12
CA PRO A 92 -3.98 10.00 8.86
C PRO A 92 -4.20 8.75 9.69
N PRO A 93 -3.77 7.58 9.19
CA PRO A 93 -4.24 6.32 9.79
C PRO A 93 -3.87 6.18 11.26
N ASP A 94 -2.77 6.79 11.69
CA ASP A 94 -2.31 6.65 13.06
C ASP A 94 -2.82 7.76 13.98
N HIS A 95 -3.69 8.63 13.50
CA HIS A 95 -4.29 9.58 14.43
C HIS A 95 -5.20 8.80 15.37
N GLU A 96 -5.20 9.19 16.65
CA GLU A 96 -5.95 8.44 17.65
C GLU A 96 -7.42 8.32 17.29
N VAL A 97 -7.98 9.31 16.59
CA VAL A 97 -9.41 9.27 16.31
C VAL A 97 -9.72 8.14 15.36
N VAL A 98 -8.73 7.70 14.57
CA VAL A 98 -8.94 6.58 13.65
C VAL A 98 -8.96 5.27 14.41
N THR A 99 -8.08 5.13 15.42
CA THR A 99 -8.17 3.99 16.33
C THR A 99 -9.52 3.94 17.04
N MET A 100 -9.99 5.10 17.52
CA MET A 100 -11.29 5.13 18.18
C MET A 100 -12.41 4.77 17.20
N ALA A 101 -12.26 5.21 15.94
CA ALA A 101 -13.28 4.89 14.94
C ALA A 101 -13.29 3.40 14.64
N ARG A 102 -12.11 2.80 14.47
CA ARG A 102 -12.05 1.35 14.25
C ARG A 102 -12.66 0.58 15.41
N MET A 103 -12.29 0.95 16.63
CA MET A 103 -12.87 0.32 17.81
C MET A 103 -14.38 0.44 17.80
N LEU A 104 -14.90 1.65 17.58
CA LEU A 104 -16.35 1.82 17.60
C LEU A 104 -17.00 1.06 16.44
N GLN A 105 -16.35 1.04 15.26
CA GLN A 105 -16.92 0.30 14.14
C GLN A 105 -16.96 -1.20 14.40
N ASP A 106 -15.95 -1.73 15.11
CA ASP A 106 -15.98 -3.14 15.52
C ASP A 106 -17.15 -3.43 16.45
N VAL A 107 -17.46 -2.50 17.36
CA VAL A 107 -18.67 -2.65 18.18
C VAL A 107 -19.89 -2.71 17.28
N PHE A 108 -19.99 -1.75 16.37
CA PHE A 108 -21.18 -1.65 15.52
C PHE A 108 -21.37 -2.90 14.69
N GLU A 109 -20.33 -3.29 13.93
CA GLU A 109 -20.46 -4.41 13.02
C GLU A 109 -20.68 -5.72 13.77
N THR A 110 -20.07 -5.87 14.94
CA THR A 110 -20.36 -7.04 15.77
C THR A 110 -21.85 -7.16 16.06
N HIS A 111 -22.50 -6.06 16.44
CA HIS A 111 -23.92 -6.15 16.76
C HIS A 111 -24.78 -6.16 15.50
N PHE A 112 -24.37 -5.38 14.48
CA PHE A 112 -25.18 -5.32 13.25
C PHE A 112 -25.17 -6.64 12.49
N SER A 113 -24.12 -7.46 12.64
CA SER A 113 -24.09 -8.73 11.93
C SER A 113 -25.10 -9.75 12.48
N LYS A 114 -25.71 -9.48 13.63
CA LYS A 114 -26.69 -10.35 14.26
C LYS A 114 -28.12 -10.01 13.88
N ILE A 115 -28.34 -8.93 13.12
CA ILE A 115 -29.70 -8.51 12.78
C ILE A 115 -30.39 -9.60 11.97
N PRO A 116 -31.68 -9.89 12.21
CA PRO A 116 -32.32 -11.04 11.55
C PRO A 116 -32.37 -10.94 10.02
N ILE A 117 -32.07 -12.06 9.37
CA ILE A 117 -32.00 -12.20 7.92
C ILE A 117 -33.33 -12.64 7.31
N SER B 4 12.16 -17.50 11.12
CA SER B 4 12.00 -16.42 10.17
C SER B 4 13.32 -16.20 9.40
N THR B 5 14.25 -17.12 9.64
CA THR B 5 15.59 -17.22 9.03
C THR B 5 16.60 -16.25 9.62
N VAL B 6 17.79 -16.78 9.90
CA VAL B 6 18.91 -15.98 10.41
C VAL B 6 19.33 -14.91 9.44
N LYS B 7 19.14 -15.14 8.13
CA LYS B 7 19.52 -14.14 7.15
C LYS B 7 18.66 -12.88 7.29
N VAL B 8 17.36 -13.04 7.46
CA VAL B 8 16.50 -11.87 7.66
C VAL B 8 16.81 -11.19 8.98
N THR B 9 17.15 -11.96 10.01
CA THR B 9 17.51 -11.36 11.29
C THR B 9 18.79 -10.54 11.15
N GLU B 10 19.84 -11.13 10.58
CA GLU B 10 21.06 -10.39 10.34
C GLU B 10 20.80 -9.13 9.52
N GLN B 11 19.99 -9.24 8.47
CA GLN B 11 19.68 -8.07 7.65
C GLN B 11 19.01 -6.97 8.47
N LEU B 12 18.06 -7.33 9.33
CA LEU B 12 17.39 -6.34 10.18
C LEU B 12 18.39 -5.67 11.13
N ARG B 13 19.34 -6.44 11.66
CA ARG B 13 20.41 -5.86 12.47
C ARG B 13 21.17 -4.79 11.70
N HIS B 14 21.47 -5.05 10.41
CA HIS B 14 22.13 -4.03 9.61
C HIS B 14 21.24 -2.80 9.43
N CYS B 15 19.93 -3.03 9.24
CA CYS B 15 18.98 -1.92 9.13
C CYS B 15 19.04 -1.03 10.37
N SER B 16 19.09 -1.64 11.55
CA SER B 16 19.22 -0.87 12.79
C SER B 16 20.47 0.00 12.77
N GLU B 17 21.58 -0.51 12.24
CA GLU B 17 22.78 0.30 12.12
C GLU B 17 22.61 1.41 11.10
N ILE B 18 21.86 1.14 10.03
CA ILE B 18 21.60 2.19 9.05
C ILE B 18 20.74 3.30 9.66
N LEU B 19 19.69 2.91 10.40
CA LEU B 19 18.87 3.89 11.11
C LEU B 19 19.72 4.71 12.08
N LYS B 20 20.56 4.03 12.87
CA LYS B 20 21.54 4.72 13.69
C LYS B 20 22.34 5.73 12.86
N GLU B 21 22.90 5.28 11.74
CA GLU B 21 23.71 6.17 10.92
C GLU B 21 22.92 7.39 10.47
N MET B 22 21.71 7.16 9.92
CA MET B 22 20.89 8.29 9.49
C MET B 22 20.58 9.24 10.64
N LEU B 23 20.64 8.78 11.88
CA LEU B 23 20.39 9.67 13.01
C LEU B 23 21.66 10.31 13.56
N ALA B 24 22.81 10.10 12.93
CA ALA B 24 24.06 10.58 13.49
C ALA B 24 24.23 12.09 13.29
N LYS B 25 25.04 12.70 14.16
CA LYS B 25 25.33 14.14 14.08
C LYS B 25 25.75 14.55 12.68
N LYS B 26 26.66 13.79 12.08
CA LYS B 26 27.18 13.92 10.72
C LYS B 26 26.14 14.37 9.70
N HIS B 27 24.92 13.84 9.79
CA HIS B 27 23.90 14.13 8.80
C HIS B 27 22.86 15.14 9.28
N PHE B 28 23.07 15.77 10.44
CA PHE B 28 21.98 16.54 11.08
C PHE B 28 21.45 17.63 10.16
N SER B 29 22.34 18.29 9.40
CA SER B 29 21.92 19.49 8.68
C SER B 29 20.97 19.20 7.52
N TYR B 30 20.92 17.95 7.02
CA TYR B 30 19.86 17.58 6.08
C TYR B 30 18.90 16.56 6.65
N ALA B 31 19.18 15.99 7.82
CA ALA B 31 18.34 14.94 8.36
C ALA B 31 17.28 15.45 9.32
N TRP B 32 17.51 16.59 9.98
CA TRP B 32 16.65 16.98 11.10
C TRP B 32 15.15 17.11 10.77
N PRO B 33 14.72 17.51 9.57
CA PRO B 33 13.26 17.56 9.32
C PRO B 33 12.57 16.20 9.40
N PHE B 34 13.31 15.09 9.34
CA PHE B 34 12.75 13.75 9.29
C PHE B 34 12.84 13.01 10.63
N TYR B 35 13.39 13.66 11.65
CA TYR B 35 13.54 13.04 12.95
C TYR B 35 12.20 12.76 13.61
N ASN B 36 11.12 13.44 13.21
CA ASN B 36 9.87 13.39 13.94
C ASN B 36 8.74 13.76 13.00
N PRO B 37 7.49 13.40 13.32
CA PRO B 37 6.37 13.71 12.41
C PRO B 37 6.32 15.19 12.07
N VAL B 38 6.12 15.47 10.78
CA VAL B 38 5.87 16.82 10.28
C VAL B 38 4.81 17.48 11.14
N ASP B 39 5.10 18.64 11.71
CA ASP B 39 4.16 19.33 12.58
C ASP B 39 3.19 20.13 11.70
N VAL B 40 2.19 19.43 11.20
CA VAL B 40 1.23 20.02 10.26
C VAL B 40 0.55 21.24 10.86
N ASN B 41 0.12 21.15 12.12
CA ASN B 41 -0.56 22.29 12.74
C ASN B 41 0.38 23.48 12.91
N ALA B 42 1.57 23.24 13.50
CA ALA B 42 2.51 24.34 13.76
C ALA B 42 3.01 24.98 12.47
N LEU B 43 3.13 24.21 11.40
CA LEU B 43 3.62 24.75 10.14
C LEU B 43 2.51 25.24 9.24
N GLY B 44 1.25 24.93 9.56
CA GLY B 44 0.15 25.43 8.75
C GLY B 44 0.09 24.81 7.37
N LEU B 45 0.45 23.54 7.24
CA LEU B 45 0.34 22.83 5.97
C LEU B 45 -1.03 22.16 5.94
N HIS B 46 -2.04 22.92 5.49
CA HIS B 46 -3.44 22.60 5.79
C HIS B 46 -3.98 21.41 5.00
N ASN B 47 -3.31 21.02 3.92
CA ASN B 47 -3.75 19.89 3.10
C ASN B 47 -2.78 18.71 3.14
N TYR B 48 -1.80 18.73 4.06
CA TYR B 48 -0.76 17.70 4.09
C TYR B 48 -1.35 16.30 4.12
N TYR B 49 -2.35 16.07 4.99
CA TYR B 49 -2.86 14.72 5.18
C TYR B 49 -3.70 14.26 4.01
N ASP B 50 -4.20 15.21 3.21
CA ASP B 50 -4.90 14.86 1.98
C ASP B 50 -3.93 14.35 0.92
N VAL B 51 -2.77 15.02 0.77
CA VAL B 51 -1.79 14.63 -0.24
C VAL B 51 -0.89 13.52 0.26
N VAL B 52 -0.56 13.54 1.54
CA VAL B 52 0.28 12.51 2.16
C VAL B 52 -0.64 11.60 2.97
N LYS B 53 -1.06 10.48 2.36
CA LYS B 53 -2.01 9.60 3.04
C LYS B 53 -1.35 8.86 4.20
N ASN B 54 -0.05 8.56 4.10
CA ASN B 54 0.67 7.80 5.12
C ASN B 54 1.92 8.53 5.54
N PRO B 55 1.80 9.45 6.51
CA PRO B 55 2.99 10.16 7.00
C PRO B 55 4.00 9.20 7.59
N MET B 56 5.29 9.51 7.41
CA MET B 56 6.30 8.67 8.03
C MET B 56 7.49 9.54 8.41
N ASP B 57 8.20 9.12 9.45
CA ASP B 57 9.36 9.87 9.91
C ASP B 57 10.28 8.89 10.65
N LEU B 58 11.52 9.34 10.85
CA LEU B 58 12.55 8.48 11.43
C LEU B 58 12.27 8.11 12.89
N GLY B 59 11.68 9.02 13.65
CA GLY B 59 11.26 8.64 14.99
C GLY B 59 10.27 7.48 14.96
N THR B 60 9.26 7.59 14.12
CA THR B 60 8.28 6.53 14.02
C THR B 60 8.94 5.22 13.55
N ILE B 61 9.91 5.33 12.64
CA ILE B 61 10.58 4.11 12.17
C ILE B 61 11.42 3.51 13.28
N LYS B 62 12.09 4.34 14.08
CA LYS B 62 12.82 3.83 15.23
C LYS B 62 11.86 3.16 16.22
N GLU B 63 10.69 3.75 16.40
CA GLU B 63 9.71 3.14 17.31
C GLU B 63 9.25 1.79 16.76
N LYS B 64 8.87 1.74 15.49
CA LYS B 64 8.48 0.46 14.88
C LYS B 64 9.61 -0.55 14.96
N MET B 65 10.86 -0.10 14.80
CA MET B 65 11.99 -1.02 14.82
C MET B 65 12.21 -1.61 16.21
N ASP B 66 12.27 -0.75 17.23
CA ASP B 66 12.46 -1.23 18.60
C ASP B 66 11.32 -2.12 19.03
N ASN B 67 10.12 -1.87 18.53
CA ASN B 67 8.96 -2.72 18.78
C ASN B 67 8.92 -3.94 17.87
N GLN B 68 10.00 -4.23 17.14
CA GLN B 68 10.08 -5.43 16.29
C GLN B 68 8.88 -5.52 15.34
N GLU B 69 8.53 -4.40 14.70
CA GLU B 69 7.40 -4.34 13.79
C GLU B 69 7.78 -4.60 12.33
N TYR B 70 9.06 -4.75 12.02
CA TYR B 70 9.51 -4.95 10.64
C TYR B 70 9.82 -6.43 10.43
N LYS B 71 9.02 -7.10 9.62
CA LYS B 71 9.24 -8.52 9.38
C LYS B 71 10.53 -8.75 8.60
N ASP B 72 10.92 -7.83 7.73
CA ASP B 72 12.15 -8.01 6.99
C ASP B 72 12.71 -6.64 6.58
N ALA B 73 13.97 -6.66 6.13
CA ALA B 73 14.67 -5.41 5.88
C ALA B 73 13.96 -4.57 4.84
N TYR B 74 13.25 -5.22 3.90
CA TYR B 74 12.63 -4.47 2.82
C TYR B 74 11.36 -3.78 3.28
N LYS B 75 10.69 -4.31 4.31
CA LYS B 75 9.59 -3.57 4.92
C LYS B 75 10.11 -2.33 5.62
N PHE B 76 11.26 -2.46 6.31
CA PHE B 76 11.95 -1.30 6.86
C PHE B 76 12.24 -0.27 5.77
N ALA B 77 12.91 -0.71 4.70
CA ALA B 77 13.25 0.21 3.62
C ALA B 77 12.01 0.88 3.07
N ALA B 78 10.89 0.14 3.00
CA ALA B 78 9.66 0.71 2.47
C ALA B 78 9.19 1.89 3.30
N ASP B 79 9.33 1.82 4.63
CA ASP B 79 8.94 2.96 5.48
C ASP B 79 9.90 4.12 5.30
N VAL B 80 11.20 3.84 5.22
CA VAL B 80 12.14 4.91 4.93
C VAL B 80 11.83 5.56 3.61
N ARG B 81 11.59 4.75 2.57
CA ARG B 81 11.29 5.30 1.25
C ARG B 81 9.96 6.04 1.23
N LEU B 82 8.97 5.55 1.99
CA LEU B 82 7.71 6.26 2.15
C LEU B 82 7.95 7.66 2.69
N MET B 83 8.76 7.76 3.74
CA MET B 83 9.10 9.04 4.32
C MET B 83 9.64 10.01 3.28
N PHE B 84 10.59 9.57 2.45
CA PHE B 84 11.15 10.48 1.45
C PHE B 84 10.12 10.81 0.38
N MET B 85 9.36 9.80 -0.06
CA MET B 85 8.39 10.02 -1.12
C MET B 85 7.28 10.98 -0.69
N ASN B 86 6.85 10.90 0.57
CA ASN B 86 5.90 11.89 1.07
C ASN B 86 6.45 13.29 0.86
N CYS B 87 7.74 13.48 1.20
CA CYS B 87 8.38 14.78 1.03
C CYS B 87 8.40 15.19 -0.44
N TYR B 88 8.79 14.27 -1.34
CA TYR B 88 8.83 14.59 -2.77
C TYR B 88 7.44 14.92 -3.30
N LYS B 89 6.41 14.27 -2.77
CA LYS B 89 5.07 14.50 -3.28
C LYS B 89 4.46 15.78 -2.75
N TYR B 90 4.75 16.16 -1.51
CA TYR B 90 4.04 17.31 -0.94
C TYR B 90 4.67 18.63 -1.35
N ASN B 91 5.99 18.66 -1.61
CA ASN B 91 6.68 19.93 -1.78
C ASN B 91 7.03 20.21 -3.22
N PRO B 92 7.16 21.47 -3.60
CA PRO B 92 7.76 21.82 -4.89
C PRO B 92 9.15 21.21 -5.00
N PRO B 93 9.55 20.74 -6.19
CA PRO B 93 10.88 20.11 -6.29
C PRO B 93 12.03 21.08 -5.99
N ASP B 94 11.78 22.38 -6.05
CA ASP B 94 12.78 23.39 -5.72
C ASP B 94 12.89 23.66 -4.22
N HIS B 95 11.96 23.17 -3.40
CA HIS B 95 12.04 23.45 -1.97
C HIS B 95 13.24 22.76 -1.37
N GLU B 96 13.92 23.47 -0.46
CA GLU B 96 15.12 22.96 0.18
C GLU B 96 14.88 21.65 0.93
N VAL B 97 13.68 21.46 1.49
CA VAL B 97 13.42 20.20 2.17
C VAL B 97 13.52 19.04 1.19
N VAL B 98 13.19 19.28 -0.09
CA VAL B 98 13.35 18.22 -1.10
C VAL B 98 14.81 17.91 -1.31
N THR B 99 15.67 18.94 -1.33
CA THR B 99 17.10 18.69 -1.42
C THR B 99 17.60 17.90 -0.23
N MET B 100 17.16 18.26 0.98
CA MET B 100 17.56 17.51 2.16
C MET B 100 17.08 16.07 2.07
N ALA B 101 15.85 15.87 1.61
CA ALA B 101 15.34 14.51 1.45
C ALA B 101 16.20 13.72 0.47
N ARG B 102 16.51 14.32 -0.68
CA ARG B 102 17.37 13.66 -1.66
C ARG B 102 18.72 13.32 -1.06
N MET B 103 19.29 14.26 -0.28
CA MET B 103 20.61 14.01 0.33
C MET B 103 20.55 12.88 1.34
N LEU B 104 19.51 12.86 2.18
CA LEU B 104 19.43 11.80 3.18
C LEU B 104 19.11 10.47 2.52
N GLN B 105 18.31 10.48 1.46
CA GLN B 105 18.00 9.22 0.79
C GLN B 105 19.25 8.67 0.13
N ASP B 106 20.11 9.56 -0.38
CA ASP B 106 21.42 9.17 -0.88
C ASP B 106 22.18 8.37 0.16
N VAL B 107 22.22 8.88 1.40
CA VAL B 107 22.91 8.19 2.48
C VAL B 107 22.27 6.82 2.74
N PHE B 108 20.95 6.80 2.81
CA PHE B 108 20.22 5.56 3.09
C PHE B 108 20.49 4.50 2.04
N GLU B 109 20.22 4.83 0.76
CA GLU B 109 20.36 3.84 -0.31
C GLU B 109 21.80 3.36 -0.41
N THR B 110 22.77 4.26 -0.18
CA THR B 110 24.16 3.85 -0.17
C THR B 110 24.40 2.76 0.86
N HIS B 111 23.94 2.97 2.09
CA HIS B 111 24.16 1.95 3.12
C HIS B 111 23.23 0.75 2.94
N PHE B 112 21.98 0.98 2.53
CA PHE B 112 21.06 -0.14 2.36
C PHE B 112 21.50 -1.09 1.25
N SER B 113 22.19 -0.57 0.22
CA SER B 113 22.63 -1.44 -0.87
C SER B 113 23.71 -2.43 -0.43
N LYS B 114 24.21 -2.30 0.79
CA LYS B 114 25.27 -3.17 1.30
C LYS B 114 24.79 -4.13 2.39
N ILE B 115 23.48 -4.31 2.55
CA ILE B 115 22.99 -5.30 3.50
C ILE B 115 23.41 -6.68 3.01
N PRO B 116 23.58 -7.68 3.89
CA PRO B 116 24.17 -8.95 3.46
C PRO B 116 23.23 -9.74 2.56
N ILE B 117 23.78 -10.20 1.43
CA ILE B 117 23.13 -11.12 0.51
C ILE B 117 21.85 -10.52 -0.05
N SER C 4 10.55 -20.96 -8.14
CA SER C 4 11.74 -21.53 -8.75
C SER C 4 11.83 -21.21 -10.25
N THR C 5 11.00 -21.86 -11.07
CA THR C 5 10.94 -21.52 -12.48
C THR C 5 10.51 -20.07 -12.66
N VAL C 6 10.92 -19.47 -13.79
CA VAL C 6 10.43 -18.11 -14.09
C VAL C 6 8.91 -18.11 -14.24
N LYS C 7 8.35 -19.22 -14.76
CA LYS C 7 6.90 -19.31 -14.95
C LYS C 7 6.17 -19.20 -13.62
N VAL C 8 6.64 -19.90 -12.59
CA VAL C 8 5.97 -19.91 -11.29
C VAL C 8 6.27 -18.61 -10.56
N THR C 9 7.49 -18.11 -10.71
CA THR C 9 7.87 -16.83 -10.13
C THR C 9 6.94 -15.73 -10.61
N GLU C 10 6.69 -15.67 -11.91
CA GLU C 10 5.73 -14.69 -12.43
C GLU C 10 4.32 -14.99 -11.94
N GLN C 11 3.97 -16.28 -11.83
CA GLN C 11 2.64 -16.62 -11.35
C GLN C 11 2.42 -16.07 -9.95
N LEU C 12 3.34 -16.37 -9.03
CA LEU C 12 3.24 -15.89 -7.67
C LEU C 12 3.32 -14.37 -7.61
N ARG C 13 4.11 -13.77 -8.50
CA ARG C 13 4.11 -12.30 -8.57
C ARG C 13 2.72 -11.79 -8.88
N HIS C 14 2.02 -12.44 -9.83
CA HIS C 14 0.66 -12.02 -10.14
C HIS C 14 -0.27 -12.23 -8.95
N CYS C 15 -0.06 -13.30 -8.20
CA CYS C 15 -0.88 -13.56 -7.00
C CYS C 15 -0.64 -12.51 -5.94
N SER C 16 0.62 -12.07 -5.78
CA SER C 16 0.93 -11.00 -4.85
C SER C 16 0.14 -9.74 -5.19
N GLU C 17 0.18 -9.34 -6.46
CA GLU C 17 -0.54 -8.13 -6.86
C GLU C 17 -2.03 -8.31 -6.68
N ILE C 18 -2.55 -9.51 -6.93
CA ILE C 18 -3.98 -9.74 -6.72
C ILE C 18 -4.32 -9.63 -5.23
N LEU C 19 -3.49 -10.25 -4.38
CA LEU C 19 -3.71 -10.16 -2.94
C LEU C 19 -3.61 -8.73 -2.44
N LYS C 20 -2.66 -7.97 -3.01
CA LYS C 20 -2.55 -6.55 -2.71
C LYS C 20 -3.81 -5.80 -3.14
N GLU C 21 -4.31 -6.08 -4.34
CA GLU C 21 -5.53 -5.40 -4.79
C GLU C 21 -6.69 -5.67 -3.84
N MET C 22 -6.97 -6.92 -3.50
CA MET C 22 -8.14 -7.08 -2.65
C MET C 22 -7.90 -6.62 -1.21
N LEU C 23 -6.66 -6.30 -0.83
CA LEU C 23 -6.42 -5.62 0.44
C LEU C 23 -6.46 -4.09 0.31
N ALA C 24 -6.71 -3.56 -0.88
CA ALA C 24 -6.63 -2.13 -1.12
C ALA C 24 -7.83 -1.39 -0.53
N LYS C 25 -7.65 -0.07 -0.37
CA LYS C 25 -8.68 0.76 0.25
C LYS C 25 -9.95 0.79 -0.57
N LYS C 26 -9.81 0.84 -1.89
CA LYS C 26 -10.90 0.80 -2.85
C LYS C 26 -11.98 -0.23 -2.49
N HIS C 27 -11.58 -1.36 -1.90
CA HIS C 27 -12.50 -2.48 -1.67
C HIS C 27 -12.89 -2.65 -0.20
N PHE C 28 -12.48 -1.71 0.68
CA PHE C 28 -12.57 -1.92 2.11
C PHE C 28 -13.99 -2.26 2.56
N SER C 29 -14.99 -1.58 1.99
CA SER C 29 -16.34 -1.67 2.52
C SER C 29 -16.94 -3.07 2.37
N TYR C 30 -16.48 -3.88 1.41
CA TYR C 30 -16.89 -5.28 1.37
C TYR C 30 -15.77 -6.26 1.70
N ALA C 31 -14.50 -5.81 1.78
CA ALA C 31 -13.40 -6.73 2.01
C ALA C 31 -13.02 -6.86 3.48
N TRP C 32 -13.31 -5.85 4.32
CA TRP C 32 -12.76 -5.86 5.67
C TRP C 32 -13.06 -7.12 6.48
N PRO C 33 -14.25 -7.75 6.42
CA PRO C 33 -14.45 -8.96 7.24
C PRO C 33 -13.50 -10.10 6.89
N PHE C 34 -12.79 -10.02 5.78
CA PHE C 34 -11.87 -11.10 5.42
C PHE C 34 -10.42 -10.74 5.69
N TYR C 35 -10.16 -9.56 6.28
CA TYR C 35 -8.79 -9.20 6.61
C TYR C 35 -8.20 -10.14 7.64
N ASN C 36 -9.02 -10.61 8.57
CA ASN C 36 -8.58 -11.32 9.76
C ASN C 36 -9.41 -12.56 9.95
N PRO C 37 -8.92 -13.53 10.72
CA PRO C 37 -9.73 -14.72 11.02
C PRO C 37 -11.04 -14.35 11.72
N VAL C 38 -12.09 -15.11 11.39
CA VAL C 38 -13.38 -14.93 12.03
C VAL C 38 -13.20 -15.12 13.54
N ASP C 39 -13.48 -14.07 14.31
CA ASP C 39 -13.40 -14.16 15.76
C ASP C 39 -14.67 -14.81 16.30
N VAL C 40 -14.65 -16.14 16.39
CA VAL C 40 -15.84 -16.88 16.80
C VAL C 40 -16.29 -16.48 18.21
N ASN C 41 -15.35 -16.19 19.11
CA ASN C 41 -15.72 -15.87 20.49
C ASN C 41 -16.29 -14.47 20.61
N ALA C 42 -15.65 -13.49 19.97
CA ALA C 42 -16.18 -12.13 19.96
C ALA C 42 -17.59 -12.06 19.36
N LEU C 43 -17.88 -12.90 18.38
CA LEU C 43 -19.13 -12.85 17.63
C LEU C 43 -20.18 -13.85 18.10
N GLY C 44 -19.83 -14.78 18.98
CA GLY C 44 -20.80 -15.74 19.47
C GLY C 44 -21.30 -16.73 18.46
N LEU C 45 -20.45 -17.13 17.50
CA LEU C 45 -20.82 -18.08 16.45
C LEU C 45 -20.46 -19.50 16.92
N HIS C 46 -21.36 -20.06 17.73
CA HIS C 46 -21.01 -21.25 18.51
C HIS C 46 -20.70 -22.44 17.63
N ASN C 47 -21.31 -22.52 16.45
CA ASN C 47 -21.12 -23.67 15.58
C ASN C 47 -20.26 -23.35 14.36
N TYR C 48 -19.50 -22.25 14.39
CA TYR C 48 -18.70 -21.90 13.22
C TYR C 48 -17.72 -23.02 12.87
N TYR C 49 -16.99 -23.54 13.86
CA TYR C 49 -15.95 -24.53 13.57
C TYR C 49 -16.53 -25.92 13.29
N ASP C 50 -17.78 -26.18 13.67
CA ASP C 50 -18.44 -27.41 13.24
C ASP C 50 -18.86 -27.33 11.78
N VAL C 51 -19.21 -26.12 11.33
CA VAL C 51 -19.58 -25.88 9.94
C VAL C 51 -18.36 -25.64 9.06
N VAL C 52 -17.37 -24.92 9.56
CA VAL C 52 -16.18 -24.54 8.81
C VAL C 52 -14.99 -25.32 9.37
N LYS C 53 -14.53 -26.32 8.61
CA LYS C 53 -13.46 -27.17 9.11
C LYS C 53 -12.07 -26.54 8.92
N ASN C 54 -11.91 -25.68 7.91
CA ASN C 54 -10.62 -25.05 7.63
C ASN C 54 -10.80 -23.55 7.46
N PRO C 55 -10.76 -22.79 8.56
CA PRO C 55 -10.88 -21.33 8.46
C PRO C 55 -9.76 -20.75 7.60
N MET C 56 -10.11 -19.73 6.82
CA MET C 56 -9.12 -19.05 5.99
C MET C 56 -9.53 -17.59 5.88
N ASP C 57 -8.52 -16.73 5.79
CA ASP C 57 -8.70 -15.27 5.71
C ASP C 57 -7.53 -14.67 4.95
N LEU C 58 -7.73 -13.43 4.49
CA LEU C 58 -6.72 -12.76 3.68
C LEU C 58 -5.42 -12.53 4.45
N GLY C 59 -5.51 -12.27 5.77
CA GLY C 59 -4.28 -12.06 6.53
C GLY C 59 -3.45 -13.33 6.63
N THR C 60 -4.10 -14.45 6.98
CA THR C 60 -3.42 -15.74 6.96
C THR C 60 -2.85 -16.03 5.57
N ILE C 61 -3.54 -15.60 4.53
CA ILE C 61 -3.08 -15.89 3.17
C ILE C 61 -1.83 -15.07 2.84
N LYS C 62 -1.78 -13.82 3.27
CA LYS C 62 -0.59 -13.00 3.05
C LYS C 62 0.59 -13.51 3.86
N GLU C 63 0.31 -14.03 5.05
CA GLU C 63 1.37 -14.65 5.83
C GLU C 63 1.97 -15.86 5.11
N LYS C 64 1.10 -16.72 4.53
CA LYS C 64 1.61 -17.89 3.82
C LYS C 64 2.30 -17.50 2.51
N MET C 65 1.81 -16.46 1.84
CA MET C 65 2.49 -15.94 0.67
C MET C 65 3.90 -15.50 1.00
N ASP C 66 4.02 -14.63 2.01
CA ASP C 66 5.33 -14.10 2.40
C ASP C 66 6.23 -15.19 2.92
N ASN C 67 5.66 -16.25 3.47
CA ASN C 67 6.40 -17.43 3.89
C ASN C 67 6.57 -18.45 2.76
N GLN C 68 6.34 -18.03 1.50
CA GLN C 68 6.55 -18.88 0.31
C GLN C 68 5.84 -20.24 0.42
N GLU C 69 4.63 -20.24 0.98
CA GLU C 69 3.91 -21.50 1.18
C GLU C 69 3.12 -21.95 -0.04
N TYR C 70 2.92 -21.09 -1.03
CA TYR C 70 2.13 -21.42 -2.20
C TYR C 70 3.05 -21.87 -3.33
N LYS C 71 2.89 -23.14 -3.73
CA LYS C 71 3.77 -23.71 -4.74
C LYS C 71 3.54 -23.10 -6.12
N ASP C 72 2.29 -22.78 -6.44
CA ASP C 72 1.98 -22.03 -7.65
C ASP C 72 0.71 -21.22 -7.42
N ALA C 73 0.25 -20.57 -8.49
CA ALA C 73 -0.91 -19.69 -8.39
C ALA C 73 -2.15 -20.45 -7.91
N TYR C 74 -2.32 -21.72 -8.34
CA TYR C 74 -3.55 -22.44 -8.04
C TYR C 74 -3.60 -22.88 -6.59
N LYS C 75 -2.45 -23.14 -5.96
CA LYS C 75 -2.43 -23.35 -4.53
C LYS C 75 -2.86 -22.08 -3.78
N PHE C 76 -2.48 -20.92 -4.30
CA PHE C 76 -2.94 -19.64 -3.73
C PHE C 76 -4.42 -19.46 -3.94
N ALA C 77 -4.89 -19.66 -5.17
CA ALA C 77 -6.32 -19.53 -5.47
C ALA C 77 -7.15 -20.47 -4.59
N ALA C 78 -6.67 -21.70 -4.39
CA ALA C 78 -7.43 -22.66 -3.58
C ALA C 78 -7.73 -22.09 -2.20
N ASP C 79 -6.73 -21.43 -1.58
CA ASP C 79 -6.95 -20.83 -0.26
C ASP C 79 -7.94 -19.66 -0.35
N VAL C 80 -7.77 -18.78 -1.35
CA VAL C 80 -8.69 -17.67 -1.53
C VAL C 80 -10.11 -18.21 -1.68
N ARG C 81 -10.28 -19.23 -2.52
CA ARG C 81 -11.60 -19.77 -2.76
C ARG C 81 -12.15 -20.48 -1.53
N LEU C 82 -11.28 -21.11 -0.75
CA LEU C 82 -11.68 -21.70 0.53
C LEU C 82 -12.26 -20.64 1.47
N MET C 83 -11.60 -19.48 1.53
CA MET C 83 -12.10 -18.39 2.36
C MET C 83 -13.52 -18.01 1.98
N PHE C 84 -13.77 -17.79 0.69
CA PHE C 84 -15.11 -17.39 0.27
C PHE C 84 -16.11 -18.52 0.48
N MET C 85 -15.68 -19.76 0.23
CA MET C 85 -16.56 -20.91 0.43
C MET C 85 -16.94 -21.07 1.89
N ASN C 86 -15.99 -20.86 2.80
CA ASN C 86 -16.31 -20.92 4.22
C ASN C 86 -17.42 -19.94 4.56
N CYS C 87 -17.33 -18.72 4.01
CA CYS C 87 -18.35 -17.71 4.22
C CYS C 87 -19.70 -18.14 3.66
N TYR C 88 -19.73 -18.60 2.41
CA TYR C 88 -20.99 -19.04 1.81
C TYR C 88 -21.58 -20.21 2.58
N LYS C 89 -20.73 -21.12 3.06
CA LYS C 89 -21.25 -22.31 3.71
C LYS C 89 -21.91 -21.96 5.04
N TYR C 90 -21.32 -21.02 5.78
CA TYR C 90 -21.79 -20.82 7.14
C TYR C 90 -23.00 -19.88 7.23
N ASN C 91 -23.08 -18.86 6.35
CA ASN C 91 -24.08 -17.82 6.57
C ASN C 91 -25.30 -18.03 5.68
N PRO C 92 -26.47 -17.56 6.12
CA PRO C 92 -27.63 -17.60 5.23
C PRO C 92 -27.39 -16.74 4.03
N PRO C 93 -27.98 -17.08 2.87
CA PRO C 93 -27.56 -16.44 1.62
C PRO C 93 -27.78 -14.94 1.59
N ASP C 94 -28.76 -14.43 2.33
CA ASP C 94 -29.05 -13.01 2.27
C ASP C 94 -28.34 -12.20 3.35
N HIS C 95 -27.49 -12.83 4.16
CA HIS C 95 -26.69 -12.03 5.08
C HIS C 95 -25.73 -11.16 4.29
N GLU C 96 -25.58 -9.93 4.77
CA GLU C 96 -24.72 -8.94 4.14
C GLU C 96 -23.33 -9.49 3.84
N VAL C 97 -22.79 -10.31 4.75
CA VAL C 97 -21.42 -10.79 4.60
C VAL C 97 -21.31 -11.66 3.36
N VAL C 98 -22.41 -12.32 2.97
CA VAL C 98 -22.38 -13.13 1.76
C VAL C 98 -22.31 -12.26 0.53
N THR C 99 -23.07 -11.16 0.52
CA THR C 99 -22.96 -10.22 -0.59
C THR C 99 -21.54 -9.67 -0.69
N MET C 100 -20.94 -9.30 0.45
CA MET C 100 -19.57 -8.79 0.45
C MET C 100 -18.59 -9.84 -0.09
N ALA C 101 -18.78 -11.10 0.31
CA ALA C 101 -17.94 -12.18 -0.22
C ALA C 101 -18.08 -12.27 -1.73
N ARG C 102 -19.34 -12.28 -2.21
CA ARG C 102 -19.55 -12.33 -3.66
C ARG C 102 -18.89 -11.15 -4.35
N MET C 103 -19.01 -9.96 -3.78
CA MET C 103 -18.36 -8.81 -4.36
C MET C 103 -16.84 -8.98 -4.37
N LEU C 104 -16.26 -9.43 -3.25
CA LEU C 104 -14.81 -9.58 -3.21
C LEU C 104 -14.34 -10.71 -4.12
N GLN C 105 -15.07 -11.84 -4.11
CA GLN C 105 -14.73 -12.93 -5.02
C GLN C 105 -14.75 -12.45 -6.48
N ASP C 106 -15.72 -11.58 -6.81
CA ASP C 106 -15.80 -11.04 -8.17
C ASP C 106 -14.54 -10.28 -8.55
N VAL C 107 -14.00 -9.48 -7.63
CA VAL C 107 -12.70 -8.85 -7.89
C VAL C 107 -11.64 -9.92 -8.12
N PHE C 108 -11.54 -10.87 -7.19
CA PHE C 108 -10.51 -11.90 -7.25
C PHE C 108 -10.54 -12.64 -8.57
N GLU C 109 -11.69 -13.21 -8.92
CA GLU C 109 -11.75 -14.07 -10.10
C GLU C 109 -11.54 -13.27 -11.38
N THR C 110 -12.01 -12.01 -11.41
CA THR C 110 -11.76 -11.18 -12.59
C THR C 110 -10.26 -11.02 -12.83
N HIS C 111 -9.52 -10.74 -11.78
CA HIS C 111 -8.07 -10.59 -11.93
C HIS C 111 -7.40 -11.94 -12.10
N PHE C 112 -7.85 -12.96 -11.34
CA PHE C 112 -7.14 -14.23 -11.41
C PHE C 112 -7.31 -14.90 -12.77
N SER C 113 -8.39 -14.60 -13.48
CA SER C 113 -8.64 -15.23 -14.76
C SER C 113 -7.68 -14.76 -15.84
N LYS C 114 -6.87 -13.74 -15.55
CA LYS C 114 -5.93 -13.17 -16.50
C LYS C 114 -4.50 -13.62 -16.27
N ILE C 115 -4.26 -14.45 -15.27
CA ILE C 115 -2.90 -14.93 -15.05
C ILE C 115 -2.49 -15.79 -16.24
N PRO C 116 -1.30 -15.56 -16.82
CA PRO C 116 -0.97 -16.17 -18.11
C PRO C 116 -0.95 -17.69 -18.07
N ILE C 117 -1.36 -18.29 -19.18
CA ILE C 117 -1.55 -19.73 -19.33
C ILE C 117 -0.29 -20.46 -19.80
N SER D 4 17.49 7.79 -43.09
CA SER D 4 16.41 8.21 -42.20
C SER D 4 15.04 7.97 -42.84
N THR D 5 14.75 6.72 -43.21
CA THR D 5 13.46 6.39 -43.79
C THR D 5 12.33 6.76 -42.82
N VAL D 6 11.14 6.98 -43.40
CA VAL D 6 10.00 7.45 -42.62
C VAL D 6 9.68 6.49 -41.47
N LYS D 7 9.75 5.18 -41.74
CA LYS D 7 9.45 4.22 -40.69
C LYS D 7 10.50 4.27 -39.57
N VAL D 8 11.78 4.36 -39.92
CA VAL D 8 12.82 4.39 -38.89
C VAL D 8 12.67 5.63 -38.00
N THR D 9 12.46 6.82 -38.59
CA THR D 9 12.28 8.03 -37.78
C THR D 9 11.08 7.92 -36.85
N GLU D 10 9.98 7.33 -37.31
CA GLU D 10 8.86 7.14 -36.41
C GLU D 10 9.09 5.99 -35.43
N GLN D 11 10.16 5.22 -35.62
CA GLN D 11 10.63 4.28 -34.60
C GLN D 11 11.49 4.95 -33.54
N LEU D 12 12.47 5.77 -33.94
CA LEU D 12 13.22 6.55 -32.94
C LEU D 12 12.28 7.40 -32.10
N ARG D 13 11.25 7.98 -32.71
CA ARG D 13 10.33 8.81 -31.94
C ARG D 13 9.61 7.99 -30.88
N HIS D 14 9.21 6.76 -31.21
CA HIS D 14 8.62 5.88 -30.22
C HIS D 14 9.66 5.50 -29.17
N CYS D 15 10.93 5.31 -29.59
CA CYS D 15 12.02 5.13 -28.63
C CYS D 15 12.12 6.30 -27.67
N SER D 16 12.05 7.52 -28.19
CA SER D 16 12.13 8.70 -27.34
C SER D 16 11.02 8.72 -26.31
N GLU D 17 9.82 8.28 -26.71
CA GLU D 17 8.69 8.19 -25.77
C GLU D 17 8.92 7.08 -24.74
N ILE D 18 9.44 5.93 -25.16
CA ILE D 18 9.80 4.87 -24.23
C ILE D 18 10.77 5.39 -23.16
N LEU D 19 11.80 6.11 -23.61
CA LEU D 19 12.79 6.65 -22.68
C LEU D 19 12.18 7.67 -21.71
N LYS D 20 11.32 8.57 -22.23
CA LYS D 20 10.56 9.46 -21.36
C LYS D 20 9.79 8.68 -20.31
N GLU D 21 9.06 7.66 -20.76
CA GLU D 21 8.30 6.78 -19.86
C GLU D 21 9.18 6.21 -18.75
N MET D 22 10.38 5.73 -19.11
CA MET D 22 11.24 5.13 -18.09
C MET D 22 11.74 6.16 -17.08
N LEU D 23 11.85 7.43 -17.48
CA LEU D 23 12.26 8.49 -16.57
C LEU D 23 11.08 9.08 -15.82
N ALA D 24 9.88 8.61 -16.10
CA ALA D 24 8.70 9.19 -15.50
C ALA D 24 8.59 8.84 -14.01
N LYS D 25 7.92 9.72 -13.27
CA LYS D 25 7.70 9.55 -11.83
C LYS D 25 7.05 8.21 -11.47
N LYS D 26 6.13 7.70 -12.32
CA LYS D 26 5.42 6.44 -12.01
C LYS D 26 6.40 5.28 -11.71
N HIS D 27 7.59 5.29 -12.31
CA HIS D 27 8.53 4.17 -12.17
C HIS D 27 9.71 4.48 -11.27
N PHE D 28 9.69 5.65 -10.59
CA PHE D 28 10.86 6.14 -9.86
C PHE D 28 11.42 5.09 -8.89
N SER D 29 10.54 4.43 -8.12
CA SER D 29 11.01 3.59 -7.02
C SER D 29 11.80 2.37 -7.47
N TYR D 30 11.73 1.96 -8.74
CA TYR D 30 12.68 0.98 -9.27
C TYR D 30 13.54 1.52 -10.40
N ALA D 31 13.27 2.71 -10.92
CA ALA D 31 14.09 3.22 -12.02
C ALA D 31 15.28 4.05 -11.55
N TRP D 32 15.21 4.64 -10.36
CA TRP D 32 16.24 5.61 -9.97
C TRP D 32 17.67 5.09 -9.95
N PRO D 33 17.96 3.81 -9.67
CA PRO D 33 19.38 3.38 -9.72
C PRO D 33 19.99 3.48 -11.11
N PHE D 34 19.16 3.62 -12.14
CA PHE D 34 19.60 3.64 -13.53
C PHE D 34 19.58 5.03 -14.14
N TYR D 35 19.28 6.06 -13.36
CA TYR D 35 19.23 7.41 -13.92
C TYR D 35 20.60 7.92 -14.34
N ASN D 36 21.66 7.48 -13.66
CA ASN D 36 22.97 8.10 -13.75
C ASN D 36 24.01 7.00 -13.60
N PRO D 37 25.22 7.22 -14.10
CA PRO D 37 26.26 6.19 -13.99
C PRO D 37 26.45 5.73 -12.55
N VAL D 38 26.57 4.41 -12.38
CA VAL D 38 26.84 3.82 -11.08
C VAL D 38 28.04 4.49 -10.42
N ASP D 39 27.86 4.94 -9.19
CA ASP D 39 28.95 5.64 -8.49
C ASP D 39 29.87 4.60 -7.87
N VAL D 40 30.74 4.04 -8.71
CA VAL D 40 31.58 2.94 -8.28
C VAL D 40 32.41 3.32 -7.07
N ASN D 41 32.96 4.54 -7.08
CA ASN D 41 33.84 4.94 -6.00
C ASN D 41 33.06 5.11 -4.69
N ALA D 42 31.94 5.86 -4.74
CA ALA D 42 31.18 6.14 -3.51
C ALA D 42 30.50 4.90 -2.94
N LEU D 43 30.12 3.95 -3.80
CA LEU D 43 29.55 2.68 -3.35
C LEU D 43 30.60 1.64 -3.01
N GLY D 44 31.86 1.87 -3.39
CA GLY D 44 32.90 0.90 -3.13
C GLY D 44 32.71 -0.43 -3.84
N LEU D 45 32.32 -0.40 -5.11
CA LEU D 45 32.24 -1.61 -5.93
C LEU D 45 33.57 -1.83 -6.63
N HIS D 46 34.54 -2.39 -5.87
CA HIS D 46 35.96 -2.30 -6.22
C HIS D 46 36.30 -2.96 -7.56
N ASN D 47 35.50 -3.92 -8.00
CA ASN D 47 35.78 -4.71 -9.19
C ASN D 47 34.83 -4.39 -10.32
N TYR D 48 34.03 -3.33 -10.18
CA TYR D 48 32.89 -3.14 -11.07
C TYR D 48 33.31 -3.06 -12.52
N TYR D 49 34.37 -2.29 -12.81
CA TYR D 49 34.79 -2.06 -14.19
C TYR D 49 35.47 -3.27 -14.80
N ASP D 50 35.98 -4.19 -13.99
CA ASP D 50 36.41 -5.46 -14.55
C ASP D 50 35.22 -6.32 -14.95
N VAL D 51 34.17 -6.37 -14.11
CA VAL D 51 33.00 -7.18 -14.44
C VAL D 51 32.20 -6.53 -15.55
N VAL D 52 32.00 -5.22 -15.47
CA VAL D 52 31.17 -4.48 -16.44
C VAL D 52 32.12 -3.73 -17.37
N LYS D 53 32.31 -4.28 -18.57
CA LYS D 53 33.23 -3.67 -19.53
C LYS D 53 32.70 -2.37 -20.08
N ASN D 54 31.37 -2.23 -20.19
CA ASN D 54 30.72 -1.09 -20.83
C ASN D 54 29.58 -0.58 -19.96
N PRO D 55 29.86 0.29 -18.99
CA PRO D 55 28.79 0.83 -18.16
C PRO D 55 27.78 1.57 -19.01
N MET D 56 26.53 1.55 -18.56
CA MET D 56 25.48 2.26 -19.26
C MET D 56 24.45 2.71 -18.25
N ASP D 57 23.75 3.79 -18.57
CA ASP D 57 22.72 4.32 -17.69
C ASP D 57 21.78 5.20 -18.52
N LEU D 58 20.60 5.47 -17.94
CA LEU D 58 19.56 6.19 -18.67
C LEU D 58 19.96 7.63 -19.00
N GLY D 59 20.71 8.29 -18.12
CA GLY D 59 21.19 9.62 -18.46
C GLY D 59 22.10 9.62 -19.67
N THR D 60 23.09 8.74 -19.67
CA THR D 60 23.94 8.64 -20.86
C THR D 60 23.09 8.30 -22.08
N ILE D 61 22.10 7.42 -21.93
CA ILE D 61 21.26 7.04 -23.06
C ILE D 61 20.48 8.26 -23.56
N LYS D 62 19.94 9.06 -22.65
CA LYS D 62 19.27 10.29 -23.06
C LYS D 62 20.24 11.22 -23.77
N GLU D 63 21.44 11.40 -23.21
CA GLU D 63 22.45 12.20 -23.89
C GLU D 63 22.73 11.63 -25.28
N LYS D 64 22.94 10.31 -25.37
CA LYS D 64 23.23 9.72 -26.67
C LYS D 64 22.09 9.93 -27.66
N MET D 65 20.84 9.84 -27.18
CA MET D 65 19.73 10.04 -28.11
C MET D 65 19.63 11.50 -28.52
N ASP D 66 19.64 12.41 -27.55
CA ASP D 66 19.61 13.84 -27.86
C ASP D 66 20.69 14.21 -28.87
N ASN D 67 21.84 13.55 -28.78
CA ASN D 67 22.95 13.76 -29.70
C ASN D 67 22.79 12.99 -31.02
N GLN D 68 21.59 12.49 -31.31
CA GLN D 68 21.31 11.74 -32.54
C GLN D 68 22.36 10.66 -32.80
N GLU D 69 22.73 9.91 -31.76
CA GLU D 69 23.73 8.86 -31.91
C GLU D 69 23.15 7.49 -32.21
N TYR D 70 21.83 7.33 -32.12
CA TYR D 70 21.15 6.07 -32.38
C TYR D 70 20.59 6.10 -33.80
N LYS D 71 21.17 5.29 -34.69
CA LYS D 71 20.71 5.33 -36.08
C LYS D 71 19.44 4.53 -36.29
N ASP D 72 19.05 3.69 -35.34
CA ASP D 72 17.75 3.03 -35.42
C ASP D 72 17.36 2.59 -34.03
N ALA D 73 16.09 2.16 -33.92
CA ALA D 73 15.55 1.78 -32.62
C ALA D 73 16.38 0.69 -31.97
N TYR D 74 16.94 -0.22 -32.78
CA TYR D 74 17.60 -1.38 -32.20
C TYR D 74 18.94 -1.03 -31.59
N LYS D 75 19.64 -0.04 -32.15
CA LYS D 75 20.82 0.50 -31.46
C LYS D 75 20.43 1.03 -30.08
N PHE D 76 19.33 1.78 -30.01
CA PHE D 76 18.84 2.29 -28.74
C PHE D 76 18.57 1.13 -27.76
N ALA D 77 17.78 0.14 -28.17
CA ALA D 77 17.44 -0.96 -27.27
C ALA D 77 18.67 -1.73 -26.82
N ALA D 78 19.70 -1.83 -27.67
CA ALA D 78 20.93 -2.50 -27.28
C ALA D 78 21.58 -1.80 -26.09
N ASP D 79 21.58 -0.46 -26.10
CA ASP D 79 22.12 0.28 -24.95
C ASP D 79 21.25 0.08 -23.71
N VAL D 80 19.93 0.10 -23.88
CA VAL D 80 19.05 -0.10 -22.74
C VAL D 80 19.31 -1.47 -22.12
N ARG D 81 19.41 -2.49 -22.98
CA ARG D 81 19.58 -3.86 -22.50
C ARG D 81 20.98 -4.08 -21.96
N LEU D 82 21.98 -3.40 -22.52
CA LEU D 82 23.30 -3.39 -21.92
C LEU D 82 23.21 -2.96 -20.47
N MET D 83 22.54 -1.82 -20.23
CA MET D 83 22.39 -1.30 -18.87
C MET D 83 21.83 -2.36 -17.93
N PHE D 84 20.82 -3.11 -18.37
CA PHE D 84 20.23 -4.12 -17.48
C PHE D 84 21.16 -5.30 -17.32
N MET D 85 21.77 -5.75 -18.44
CA MET D 85 22.70 -6.86 -18.37
C MET D 85 23.85 -6.58 -17.42
N ASN D 86 24.41 -5.35 -17.49
CA ASN D 86 25.48 -4.97 -16.55
C ASN D 86 25.03 -5.21 -15.12
N CYS D 87 23.81 -4.79 -14.79
CA CYS D 87 23.29 -4.98 -13.44
C CYS D 87 23.16 -6.46 -13.11
N TYR D 88 22.60 -7.24 -14.04
CA TYR D 88 22.48 -8.69 -13.82
C TYR D 88 23.85 -9.34 -13.68
N LYS D 89 24.79 -8.98 -14.56
CA LYS D 89 26.14 -9.54 -14.48
C LYS D 89 26.78 -9.26 -13.12
N TYR D 90 26.66 -8.03 -12.60
CA TYR D 90 27.49 -7.63 -11.48
C TYR D 90 26.94 -8.04 -10.12
N ASN D 91 25.57 -7.95 -9.92
CA ASN D 91 25.01 -8.14 -8.59
C ASN D 91 24.58 -9.58 -8.34
N PRO D 92 24.62 -10.02 -7.09
CA PRO D 92 23.95 -11.28 -6.71
C PRO D 92 22.50 -11.27 -7.17
N PRO D 93 22.00 -12.39 -7.67
CA PRO D 93 20.62 -12.39 -8.19
C PRO D 93 19.59 -11.97 -7.15
N ASP D 94 19.90 -12.15 -5.86
CA ASP D 94 19.00 -11.78 -4.77
C ASP D 94 18.98 -10.29 -4.48
N HIS D 95 20.01 -9.54 -4.87
CA HIS D 95 20.06 -8.12 -4.52
C HIS D 95 18.85 -7.37 -5.07
N GLU D 96 18.40 -6.38 -4.29
CA GLU D 96 17.19 -5.64 -4.66
C GLU D 96 17.35 -4.91 -5.98
N VAL D 97 18.57 -4.41 -6.26
CA VAL D 97 18.76 -3.69 -7.52
C VAL D 97 18.47 -4.61 -8.70
N VAL D 98 18.70 -5.93 -8.57
CA VAL D 98 18.36 -6.82 -9.69
C VAL D 98 16.85 -6.88 -9.88
N THR D 99 16.10 -6.99 -8.78
CA THR D 99 14.64 -6.83 -8.81
C THR D 99 14.23 -5.56 -9.53
N MET D 100 14.78 -4.41 -9.10
CA MET D 100 14.47 -3.14 -9.74
C MET D 100 14.80 -3.20 -11.22
N ALA D 101 15.95 -3.78 -11.57
CA ALA D 101 16.32 -3.89 -12.98
C ALA D 101 15.29 -4.71 -13.75
N ARG D 102 14.93 -5.89 -13.21
CA ARG D 102 13.96 -6.73 -13.89
C ARG D 102 12.65 -6.00 -14.08
N MET D 103 12.23 -5.23 -13.06
CA MET D 103 10.97 -4.49 -13.13
C MET D 103 11.02 -3.42 -14.21
N LEU D 104 12.11 -2.65 -14.25
CA LEU D 104 12.22 -1.60 -15.25
C LEU D 104 12.40 -2.21 -16.64
N GLN D 105 13.14 -3.32 -16.74
CA GLN D 105 13.22 -3.97 -18.04
C GLN D 105 11.86 -4.52 -18.48
N ASP D 106 11.03 -4.93 -17.52
CA ASP D 106 9.68 -5.34 -17.92
C ASP D 106 8.92 -4.18 -18.54
N VAL D 107 8.98 -3.00 -17.91
CA VAL D 107 8.36 -1.80 -18.48
C VAL D 107 8.92 -1.52 -19.87
N PHE D 108 10.25 -1.52 -19.99
CA PHE D 108 10.87 -1.22 -21.28
C PHE D 108 10.41 -2.18 -22.36
N GLU D 109 10.48 -3.49 -22.09
CA GLU D 109 10.24 -4.45 -23.16
C GLU D 109 8.77 -4.42 -23.60
N THR D 110 7.86 -4.25 -22.64
CA THR D 110 6.44 -4.10 -22.96
C THR D 110 6.22 -2.98 -23.97
N HIS D 111 6.81 -1.81 -23.71
CA HIS D 111 6.65 -0.69 -24.62
C HIS D 111 7.45 -0.91 -25.89
N PHE D 112 8.65 -1.46 -25.77
CA PHE D 112 9.46 -1.65 -26.97
C PHE D 112 8.87 -2.71 -27.89
N SER D 113 8.08 -3.63 -27.36
CA SER D 113 7.50 -4.65 -28.24
C SER D 113 6.43 -4.07 -29.15
N LYS D 114 5.92 -2.87 -28.82
CA LYS D 114 4.82 -2.24 -29.55
C LYS D 114 5.30 -1.22 -30.57
N ILE D 115 6.60 -1.18 -30.83
CA ILE D 115 7.21 -0.32 -31.85
C ILE D 115 6.52 -0.54 -33.19
N PRO D 116 6.45 0.47 -34.05
CA PRO D 116 5.93 0.24 -35.41
C PRO D 116 6.90 -0.59 -36.21
N ILE D 117 6.37 -1.57 -36.93
CA ILE D 117 7.18 -2.54 -37.63
C ILE D 117 7.18 -2.38 -39.13
C10 BMF E . -12.42 16.07 17.49
N12 BMF E . -12.98 14.64 15.77
C15 BMF E . -10.74 14.87 14.21
C17 BMF E . -8.46 15.78 13.49
C20 BMF E . -5.19 15.87 11.89
C22 BMF E . -10.87 15.56 15.39
C26 BMF E . -15.14 12.43 14.14
C28 BMF E . -11.71 17.26 19.45
C01 BMF E . -13.42 18.14 21.13
C02 BMF E . -13.04 17.42 19.84
C03 BMF E . -14.06 16.92 19.03
N04 BMF E . -15.45 17.06 19.38
S05 BMF E . -16.55 17.65 18.23
C06 BMF E . -17.65 18.89 18.94
O07 BMF E . -15.84 18.18 17.07
O08 BMF E . -17.30 16.53 17.65
C09 BMF E . -13.73 16.26 17.87
C11 BMF E . -11.98 15.41 16.19
N13 BMF E . -12.88 13.93 14.57
C14 BMF E . -11.80 14.04 13.80
N16 BMF E . -9.61 14.90 13.29
O18 BMF E . -7.50 15.92 12.49
C19 BMF E . -6.21 16.20 12.98
O21 BMF E . -8.30 16.39 14.50
N23 BMF E . -12.00 13.26 12.73
N24 BMF E . -13.23 12.68 12.86
C25 BMF E . -13.78 13.10 14.00
C27 BMF E . -11.39 16.59 18.26
C10 BMF F . 9.64 21.47 8.51
N12 BMF F . 9.34 19.64 7.14
C15 BMF F . 8.06 20.94 5.06
C17 BMF F . 6.90 22.89 3.84
C20 BMF F . 6.38 24.00 0.64
C22 BMF F . 8.47 21.61 6.16
C26 BMF F . 9.52 16.28 6.30
C28 BMF F . 10.34 23.44 9.65
C01 BMF F . 10.88 23.42 12.11
C02 BMF F . 10.42 22.72 10.84
C03 BMF F . 10.10 21.36 10.87
N04 BMF F . 10.18 20.58 12.09
S05 BMF F . 9.05 19.35 12.37
C06 BMF F . 9.59 17.77 11.65
O07 BMF F . 8.81 19.11 13.78
O08 BMF F . 7.76 19.71 11.77
C09 BMF F . 9.70 20.75 9.70
C11 BMF F . 9.15 20.96 7.18
N13 BMF F . 8.89 18.93 6.01
C14 BMF F . 8.26 19.55 4.99
N16 BMF F . 7.37 21.49 3.89
O18 BMF F . 6.00 23.33 2.87
C19 BMF F . 6.43 24.42 2.11
O21 BMF F . 7.28 23.69 4.63
N23 BMF F . 7.97 18.59 4.09
N24 BMF F . 8.43 17.39 4.56
C25 BMF F . 8.99 17.61 5.75
C27 BMF F . 9.93 22.83 8.47
C10 BMF G . -17.81 -10.49 11.22
N12 BMF G . -17.55 -12.15 9.63
C15 BMF G . -19.96 -13.42 9.94
C17 BMF G . -22.29 -13.86 10.85
C20 BMF G . -25.66 -15.23 10.98
C22 BMF G . -19.66 -12.31 10.67
C26 BMF G . -15.77 -13.96 7.20
C28 BMF G . -18.29 -8.52 12.53
C01 BMF G . -16.47 -7.07 13.47
C02 BMF G . -16.93 -8.28 12.68
C03 BMF G . -16.01 -9.16 12.11
N04 BMF G . -14.57 -8.96 12.23
S05 BMF G . -13.51 -10.29 12.52
C06 BMF G . -12.28 -9.76 13.73
O07 BMF G . -14.22 -11.50 12.92
O08 BMF G . -12.86 -10.76 11.29
C09 BMF G . -16.46 -10.26 11.40
C11 BMF G . -18.45 -11.67 10.51
N13 BMF G . -17.83 -13.29 8.88
C14 BMF G . -19.02 -13.92 9.02
N16 BMF G . -21.18 -14.20 9.98
O18 BMF G . -23.42 -14.67 10.77
C19 BMF G . -24.55 -14.32 11.50
O21 BMF G . -22.29 -12.94 11.61
N23 BMF G . -19.02 -14.96 8.17
N24 BMF G . -17.81 -14.98 7.50
C25 BMF G . -17.10 -13.95 7.94
C27 BMF G . -18.74 -9.64 11.82
C10 BMF H . 23.24 2.19 -6.26
N12 BMF H . 23.28 0.88 -8.16
C15 BMF H . 24.39 -1.40 -7.12
C17 BMF H . 25.52 -2.89 -5.41
C20 BMF H . 27.03 -5.58 -3.39
C22 BMF H . 24.14 -0.31 -6.32
C26 BMF H . 22.80 0.31 -11.57
C28 BMF H . 22.63 3.27 -4.25
C01 BMF H . 22.37 5.78 -4.08
C02 BMF H . 22.69 4.51 -4.87
C03 BMF H . 23.05 4.60 -6.23
N04 BMF H . 23.11 5.89 -6.92
S05 BMF H . 24.10 6.07 -8.31
C06 BMF H . 24.18 7.74 -9.16
O07 BMF H . 25.28 5.24 -8.12
O08 BMF H . 23.46 5.31 -9.39
C09 BMF H . 23.32 3.41 -6.90
C11 BMF H . 23.56 0.83 -6.86
N13 BMF H . 23.54 -0.22 -8.98
C14 BMF H . 24.08 -1.34 -8.48
N16 BMF H . 24.98 -2.68 -6.75
O18 BMF H . 26.03 -4.14 -5.05
C19 BMF H . 26.40 -4.22 -3.69
O21 BMF H . 25.54 -2.02 -4.61
N23 BMF H . 24.23 -2.19 -9.50
N24 BMF H . 23.75 -1.60 -10.63
C25 BMF H . 23.34 -0.37 -10.31
C27 BMF H . 22.92 2.10 -4.92
#